data_7HP7
#
_entry.id   7HP7
#
_cell.length_a   42.300
_cell.length_b   42.300
_cell.length_c   216.490
_cell.angle_alpha   90.00
_cell.angle_beta   90.00
_cell.angle_gamma   90.00
#
_symmetry.space_group_name_H-M   'P 43 2 2'
#
loop_
_entity.id
_entity.type
_entity.pdbx_description
1 polymer 'Serine protease subunit NS2B'
2 polymer 'Serine protease NS3'
3 non-polymer 'DIMETHYL SULFOXIDE'
4 non-polymer (8S)-7-{[6-methoxy-2-(piperazin-1-yl)pyrimidin-4-yl]methoxy}-5-methyl[1,2,4]triazolo[1,5-a]pyrimidine
5 non-polymer 'SULFATE ION'
6 water water
#
loop_
_entity_poly.entity_id
_entity_poly.type
_entity_poly.pdbx_seq_one_letter_code
_entity_poly.pdbx_strand_id
1 'polypeptide(L)' SMGKSVDMYIERAGDITWEKDAEVTGNSPRLDVALDESGDFSLVEE A
2 'polypeptide(L)'
;MKEVKKGETTDGVYRVMTRRLLGSTQVGVGVMQEGVFHTMWHVTKGAALRSGEGRLDPYWGDVKQDLVSYCGPWKLDAAW
DGLSEVQLLAVPPGERAKNIQTLPGIFKTKDGDIGAVALDYPAGTSGSPILDKCGRVIGLYGNGVVIKNGSYVSAITQGK
REEETPVE
;
B
#
loop_
_chem_comp.id
_chem_comp.type
_chem_comp.name
_chem_comp.formula
A1BGN non-polymer (8S)-7-{[6-methoxy-2-(piperazin-1-yl)pyrimidin-4-yl]methoxy}-5-methyl[1,2,4]triazolo[1,5-a]pyrimidine 'C16 H20 N8 O2'
DMS non-polymer 'DIMETHYL SULFOXIDE' 'C2 H6 O S'
SO4 non-polymer 'SULFATE ION' 'O4 S -2'
#
# COMPACT_ATOMS: atom_id res chain seq x y z
N ASP A 7 -4.45 20.45 -0.42
CA ASP A 7 -5.01 19.61 0.67
C ASP A 7 -5.41 18.25 0.03
N MET A 8 -4.84 17.20 0.56
CA MET A 8 -5.26 15.80 0.33
C MET A 8 -6.38 15.45 1.30
N TYR A 9 -7.22 14.48 0.93
CA TYR A 9 -8.31 14.04 1.84
C TYR A 9 -8.55 12.56 1.63
N ILE A 10 -9.20 11.90 2.61
CA ILE A 10 -9.43 10.42 2.57
C ILE A 10 -10.93 10.12 2.48
N GLU A 11 -11.22 9.06 1.73
CA GLU A 11 -12.57 8.48 1.48
C GLU A 11 -12.61 6.99 1.84
N ARG A 12 -13.57 6.52 2.67
CA ARG A 12 -13.56 5.04 3.04
C ARG A 12 -13.83 4.15 1.79
N ALA A 13 -13.13 3.04 1.64
CA ALA A 13 -13.24 2.24 0.40
C ALA A 13 -13.61 0.74 0.64
N GLY A 14 -13.61 0.30 1.89
CA GLY A 14 -13.88 -1.12 2.20
C GLY A 14 -13.47 -1.45 3.61
N ASP A 15 -14.10 -2.65 4.18
CA ASP A 15 -13.72 -3.27 5.48
C ASP A 15 -12.49 -4.13 5.16
N ILE A 16 -11.58 -4.37 6.10
CA ILE A 16 -10.38 -5.23 5.81
C ILE A 16 -10.74 -6.62 6.25
N THR A 17 -11.13 -7.47 5.29
N THR A 17 -11.09 -7.49 5.29
N THR A 17 -11.13 -7.47 5.29
N THR A 17 -11.09 -7.49 5.29
CA THR A 17 -11.52 -8.89 5.49
CA THR A 17 -11.57 -8.88 5.52
CA THR A 17 -11.52 -8.89 5.49
CA THR A 17 -11.57 -8.88 5.52
C THR A 17 -10.81 -9.76 4.45
C THR A 17 -11.01 -9.79 4.41
C THR A 17 -10.81 -9.76 4.45
C THR A 17 -11.01 -9.79 4.41
N TRP A 18 -10.69 -11.05 4.74
CA TRP A 18 -10.30 -12.06 3.72
C TRP A 18 -11.60 -12.53 3.03
N GLU A 19 -11.65 -12.52 1.70
CA GLU A 19 -12.83 -12.96 0.88
C GLU A 19 -12.56 -14.38 0.38
N LYS A 20 -13.34 -15.36 0.83
CA LYS A 20 -13.29 -16.74 0.25
C LYS A 20 -13.72 -16.64 -1.23
N ASP A 21 -13.06 -17.37 -2.12
CA ASP A 21 -13.26 -17.21 -3.59
C ASP A 21 -13.09 -15.73 -3.99
N ALA A 22 -12.05 -15.05 -3.49
CA ALA A 22 -11.29 -14.03 -4.26
C ALA A 22 -10.67 -14.72 -5.49
N GLU A 23 -10.38 -13.89 -6.52
CA GLU A 23 -9.61 -14.23 -7.75
C GLU A 23 -8.19 -14.64 -7.31
N VAL A 24 -7.67 -15.79 -7.71
CA VAL A 24 -6.28 -16.19 -7.32
C VAL A 24 -5.35 -15.96 -8.53
N THR A 25 -4.28 -15.16 -8.41
CA THR A 25 -3.31 -14.95 -9.53
C THR A 25 -1.97 -14.33 -9.08
N GLY A 26 -1.06 -14.15 -10.05
CA GLY A 26 0.31 -13.67 -9.82
C GLY A 26 1.31 -14.80 -9.55
N ASN A 27 2.57 -14.58 -9.95
CA ASN A 27 3.68 -15.53 -9.73
C ASN A 27 4.43 -15.14 -8.43
N SER A 28 5.59 -15.75 -8.12
CA SER A 28 6.30 -15.61 -6.80
C SER A 28 7.78 -15.56 -7.00
N PRO A 29 8.34 -14.50 -7.63
CA PRO A 29 9.75 -14.52 -8.02
C PRO A 29 10.62 -14.41 -6.76
N ARG A 30 11.81 -15.00 -6.81
CA ARG A 30 12.89 -14.78 -5.82
C ARG A 30 13.93 -13.86 -6.46
N LEU A 31 14.00 -12.63 -5.99
CA LEU A 31 14.76 -11.50 -6.58
C LEU A 31 15.80 -10.98 -5.58
N ASP A 32 17.00 -10.68 -6.07
CA ASP A 32 18.06 -9.99 -5.31
C ASP A 32 17.88 -8.47 -5.50
N VAL A 33 17.73 -7.71 -4.43
CA VAL A 33 17.40 -6.25 -4.55
C VAL A 33 18.25 -5.43 -3.57
N ALA A 34 18.56 -4.17 -3.93
CA ALA A 34 19.21 -3.15 -3.06
C ALA A 34 18.19 -2.11 -2.65
N LEU A 35 18.25 -1.62 -1.40
CA LEU A 35 17.45 -0.48 -0.88
C LEU A 35 18.38 0.70 -0.57
N ASP A 36 18.22 1.81 -1.33
CA ASP A 36 19.02 3.06 -1.17
C ASP A 36 18.45 3.87 0.02
N GLU A 37 19.13 4.95 0.36
CA GLU A 37 18.79 5.89 1.45
C GLU A 37 17.45 6.60 1.14
N SER A 38 17.06 6.72 -0.13
CA SER A 38 15.81 7.40 -0.57
C SER A 38 14.57 6.49 -0.50
N GLY A 39 14.70 5.22 -0.07
CA GLY A 39 13.61 4.23 -0.08
C GLY A 39 13.35 3.57 -1.46
N ASP A 40 14.22 3.74 -2.46
CA ASP A 40 14.05 3.09 -3.80
C ASP A 40 14.70 1.70 -3.76
N PHE A 41 13.91 0.65 -4.03
CA PHE A 41 14.44 -0.69 -4.37
C PHE A 41 14.96 -0.71 -5.80
N SER A 42 16.05 -1.45 -6.05
CA SER A 42 16.61 -1.66 -7.40
C SER A 42 17.05 -3.13 -7.58
N LEU A 43 16.95 -3.61 -8.81
CA LEU A 43 17.36 -4.98 -9.19
C LEU A 43 18.88 -4.99 -9.29
N VAL A 44 19.47 -5.81 -8.41
CA VAL A 44 20.91 -6.23 -8.36
C VAL A 44 21.03 -7.50 -9.19
N GLU A 45 21.79 -7.52 -10.27
CA GLU A 45 22.02 -8.84 -10.95
C GLU A 45 23.52 -9.07 -11.07
N GLY B 7 -14.02 13.37 12.41
CA GLY B 7 -14.05 12.78 11.03
C GLY B 7 -14.38 11.28 11.03
N GLU B 8 -14.07 10.60 9.94
CA GLU B 8 -14.23 9.13 9.80
C GLU B 8 -12.98 8.42 10.38
N THR B 9 -13.10 7.94 11.62
N THR B 9 -13.11 7.94 11.62
N THR B 9 -13.10 7.94 11.62
N THR B 9 -13.11 7.94 11.62
CA THR B 9 -12.04 7.24 12.40
CA THR B 9 -12.05 7.24 12.41
CA THR B 9 -12.04 7.24 12.40
CA THR B 9 -12.05 7.24 12.41
C THR B 9 -12.27 5.73 12.33
C THR B 9 -12.28 5.74 12.35
C THR B 9 -12.27 5.73 12.33
C THR B 9 -12.28 5.74 12.35
N THR B 10 -13.32 5.31 11.61
CA THR B 10 -13.73 3.90 11.44
C THR B 10 -12.57 3.07 10.88
N ASP B 11 -12.30 1.92 11.51
CA ASP B 11 -11.38 0.88 10.98
C ASP B 11 -11.70 0.62 9.49
N GLY B 12 -10.69 0.44 8.63
CA GLY B 12 -10.88 -0.05 7.25
C GLY B 12 -9.90 0.56 6.26
N VAL B 13 -10.07 0.27 4.97
CA VAL B 13 -9.22 0.80 3.85
C VAL B 13 -9.83 2.09 3.27
N TYR B 14 -8.96 3.06 2.94
CA TYR B 14 -9.34 4.42 2.50
C TYR B 14 -8.52 4.79 1.26
N ARG B 15 -9.14 5.57 0.38
CA ARG B 15 -8.45 6.21 -0.75
C ARG B 15 -7.80 7.49 -0.24
N VAL B 16 -6.63 7.84 -0.78
CA VAL B 16 -5.98 9.18 -0.61
C VAL B 16 -6.14 9.94 -1.93
N MET B 17 -6.80 11.11 -1.89
CA MET B 17 -7.23 11.96 -3.03
C MET B 17 -6.61 13.38 -2.93
N THR B 18 -6.28 13.99 -4.06
CA THR B 18 -5.89 15.42 -4.16
C THR B 18 -6.72 16.12 -5.25
N ARG B 19 -6.86 17.44 -5.14
N ARG B 19 -6.86 17.44 -5.14
N ARG B 19 -6.87 17.44 -5.13
N ARG B 19 -6.87 17.44 -5.13
CA ARG B 19 -7.54 18.30 -6.15
CA ARG B 19 -7.54 18.30 -6.15
CA ARG B 19 -7.60 18.28 -6.11
CA ARG B 19 -7.60 18.28 -6.11
C ARG B 19 -6.52 19.25 -6.79
C ARG B 19 -6.52 19.25 -6.79
C ARG B 19 -6.62 19.17 -6.88
C ARG B 19 -6.62 19.17 -6.88
N ARG B 20 -5.24 19.12 -6.47
N ARG B 20 -5.24 19.12 -6.47
N ARG B 20 -5.37 19.24 -6.40
N ARG B 20 -5.37 19.24 -6.40
CA ARG B 20 -4.15 20.05 -6.89
CA ARG B 20 -4.15 20.05 -6.89
CA ARG B 20 -4.29 20.10 -6.99
CA ARG B 20 -4.29 20.10 -6.99
C ARG B 20 -3.78 19.76 -8.35
C ARG B 20 -3.78 19.76 -8.35
C ARG B 20 -4.23 19.89 -8.51
C ARG B 20 -4.23 19.89 -8.51
N LEU B 21 -4.01 18.53 -8.84
N LEU B 21 -4.01 18.53 -8.84
N LEU B 21 -3.84 18.68 -8.94
N LEU B 21 -3.84 18.68 -8.94
CA LEU B 21 -3.89 18.14 -10.27
CA LEU B 21 -3.89 18.14 -10.27
CA LEU B 21 -3.81 18.28 -10.38
CA LEU B 21 -3.81 18.28 -10.38
C LEU B 21 -5.25 18.39 -10.93
C LEU B 21 -5.25 18.39 -10.93
C LEU B 21 -5.23 18.40 -10.95
C LEU B 21 -5.23 18.40 -10.95
N LEU B 22 -5.44 17.91 -12.17
CA LEU B 22 -6.77 17.96 -12.85
C LEU B 22 -7.82 17.12 -12.10
N GLY B 23 -9.05 17.64 -11.97
CA GLY B 23 -10.15 16.88 -11.32
C GLY B 23 -9.81 16.47 -9.87
N SER B 24 -10.37 15.34 -9.42
CA SER B 24 -10.01 14.69 -8.14
C SER B 24 -9.22 13.46 -8.55
N THR B 25 -7.97 13.36 -8.10
CA THR B 25 -7.01 12.30 -8.47
C THR B 25 -6.64 11.45 -7.25
N GLN B 26 -6.60 10.13 -7.42
CA GLN B 26 -6.20 9.18 -6.35
C GLN B 26 -4.69 9.08 -6.41
N VAL B 27 -4.02 9.62 -5.39
CA VAL B 27 -2.54 9.52 -5.28
C VAL B 27 -2.19 8.22 -4.56
N GLY B 28 -3.09 7.60 -3.79
CA GLY B 28 -2.73 6.30 -3.18
C GLY B 28 -3.82 5.82 -2.23
N VAL B 29 -3.45 4.96 -1.27
CA VAL B 29 -4.37 4.17 -0.38
C VAL B 29 -3.77 4.08 1.03
N GLY B 30 -4.58 3.68 2.00
CA GLY B 30 -4.20 3.69 3.41
C GLY B 30 -5.13 2.86 4.26
N VAL B 31 -4.69 2.65 5.49
CA VAL B 31 -5.40 1.79 6.48
C VAL B 31 -5.61 2.57 7.76
N MET B 32 -6.86 2.59 8.18
CA MET B 32 -7.24 3.11 9.51
C MET B 32 -7.39 1.92 10.43
N GLN B 33 -6.72 1.94 11.58
CA GLN B 33 -6.87 0.91 12.64
C GLN B 33 -6.54 1.55 14.00
N GLU B 34 -7.37 1.28 14.99
CA GLU B 34 -7.20 1.81 16.37
C GLU B 34 -6.97 3.34 16.32
N GLY B 35 -7.66 4.05 15.43
CA GLY B 35 -7.67 5.53 15.45
C GLY B 35 -6.49 6.12 14.69
N VAL B 36 -5.64 5.27 14.13
CA VAL B 36 -4.39 5.67 13.44
C VAL B 36 -4.53 5.44 11.94
N PHE B 37 -4.08 6.39 11.12
CA PHE B 37 -4.06 6.17 9.65
C PHE B 37 -2.64 5.86 9.11
N HIS B 38 -2.49 4.75 8.41
CA HIS B 38 -1.19 4.18 7.92
C HIS B 38 -1.14 4.22 6.38
N THR B 39 -0.13 4.82 5.77
CA THR B 39 0.03 4.82 4.30
C THR B 39 1.52 4.87 3.97
N MET B 40 1.89 4.92 2.70
CA MET B 40 3.30 5.02 2.31
C MET B 40 3.71 6.50 2.21
N TRP B 41 4.95 6.80 2.63
N TRP B 41 4.94 6.80 2.64
N TRP B 41 4.94 6.80 2.64
N TRP B 41 4.94 6.80 2.64
CA TRP B 41 5.51 8.17 2.66
CA TRP B 41 5.51 8.17 2.66
CA TRP B 41 5.51 8.17 2.66
CA TRP B 41 5.50 8.17 2.67
C TRP B 41 5.36 8.83 1.29
C TRP B 41 5.34 8.82 1.29
C TRP B 41 5.36 8.83 1.29
C TRP B 41 5.34 8.82 1.29
N HIS B 42 5.70 8.11 0.22
CA HIS B 42 5.65 8.65 -1.18
C HIS B 42 4.19 9.03 -1.60
N VAL B 43 3.15 8.48 -0.99
CA VAL B 43 1.73 8.91 -1.24
C VAL B 43 1.49 10.35 -0.74
N THR B 44 1.80 10.69 0.51
CA THR B 44 1.43 11.99 1.16
C THR B 44 2.64 12.94 1.18
N LYS B 45 3.85 12.39 1.03
CA LYS B 45 5.12 13.07 1.38
C LYS B 45 5.08 13.76 2.78
N GLY B 46 4.28 13.27 3.75
CA GLY B 46 4.30 13.76 5.15
C GLY B 46 3.27 14.85 5.37
N ALA B 47 2.48 15.16 4.35
CA ALA B 47 1.50 16.28 4.45
C ALA B 47 0.31 15.88 5.31
N ALA B 48 -0.38 16.86 5.91
CA ALA B 48 -1.66 16.67 6.61
C ALA B 48 -2.77 16.19 5.65
N LEU B 49 -3.78 15.54 6.23
CA LEU B 49 -4.93 14.92 5.54
C LEU B 49 -6.22 15.48 6.16
N ARG B 50 -7.25 15.58 5.31
CA ARG B 50 -8.62 15.97 5.65
C ARG B 50 -9.46 14.68 5.67
N SER B 51 -10.25 14.52 6.72
CA SER B 51 -11.33 13.51 6.86
C SER B 51 -12.65 14.25 7.16
N GLY B 52 -13.30 14.76 6.11
CA GLY B 52 -14.54 15.56 6.23
C GLY B 52 -14.26 16.95 6.80
N GLU B 53 -14.74 17.23 8.02
CA GLU B 53 -14.41 18.48 8.76
C GLU B 53 -13.04 18.29 9.42
N GLY B 54 -12.68 17.03 9.65
CA GLY B 54 -11.56 16.59 10.48
C GLY B 54 -10.23 16.82 9.79
N ARG B 55 -9.21 17.00 10.61
CA ARG B 55 -7.78 17.09 10.21
C ARG B 55 -7.04 15.86 10.77
N LEU B 56 -6.17 15.26 9.96
CA LEU B 56 -5.21 14.19 10.39
C LEU B 56 -3.79 14.77 10.31
N ASP B 57 -3.04 14.79 11.40
CA ASP B 57 -1.62 15.26 11.36
C ASP B 57 -0.65 14.09 11.45
N PRO B 58 0.50 14.20 10.73
CA PRO B 58 1.50 13.15 10.66
C PRO B 58 2.08 13.02 12.07
N TYR B 59 2.36 11.80 12.56
CA TYR B 59 2.86 11.49 13.95
C TYR B 59 4.25 10.83 13.88
N TRP B 60 4.44 9.89 12.93
CA TRP B 60 5.68 9.09 12.75
C TRP B 60 5.87 8.90 11.25
N GLY B 61 7.12 8.89 10.79
CA GLY B 61 7.45 8.44 9.43
C GLY B 61 8.95 8.26 9.20
N ASP B 62 9.28 7.51 8.16
CA ASP B 62 10.66 7.17 7.73
C ASP B 62 10.69 6.98 6.21
N VAL B 63 11.42 7.81 5.46
CA VAL B 63 11.45 7.80 3.97
C VAL B 63 12.08 6.49 3.51
N LYS B 64 13.02 5.92 4.31
CA LYS B 64 13.72 4.71 3.85
C LYS B 64 12.80 3.48 3.95
N GLN B 65 12.05 3.33 5.02
CA GLN B 65 10.99 2.30 5.07
C GLN B 65 9.83 2.69 4.13
N ASP B 66 9.69 3.97 3.82
CA ASP B 66 8.61 4.50 2.93
C ASP B 66 7.26 4.32 3.63
N LEU B 67 7.18 4.64 4.94
CA LEU B 67 5.95 4.55 5.75
C LEU B 67 5.66 5.84 6.52
N VAL B 68 4.42 6.02 6.86
CA VAL B 68 3.94 7.17 7.68
C VAL B 68 2.65 6.81 8.45
N SER B 69 2.56 7.20 9.71
CA SER B 69 1.32 7.13 10.52
C SER B 69 0.83 8.53 10.86
N TYR B 70 -0.47 8.62 11.18
N TYR B 70 -0.47 8.62 11.18
N TYR B 70 -0.48 8.61 11.18
N TYR B 70 -0.48 8.61 11.18
CA TYR B 70 -1.23 9.88 11.38
CA TYR B 70 -1.23 9.88 11.38
CA TYR B 70 -1.25 9.85 11.46
CA TYR B 70 -1.25 9.85 11.46
C TYR B 70 -2.05 9.76 12.67
C TYR B 70 -2.05 9.76 12.67
C TYR B 70 -2.11 9.58 12.69
C TYR B 70 -2.11 9.58 12.69
N CYS B 71 -1.90 10.71 13.60
N CYS B 71 -1.90 10.71 13.60
N CYS B 71 -2.13 10.52 13.65
N CYS B 71 -2.13 10.52 13.65
CA CYS B 71 -2.73 10.83 14.82
CA CYS B 71 -2.73 10.83 14.82
CA CYS B 71 -2.99 10.54 14.87
CA CYS B 71 -2.99 10.54 14.87
C CYS B 71 -2.14 9.97 15.96
C CYS B 71 -2.14 9.97 15.96
C CYS B 71 -2.41 9.64 15.97
C CYS B 71 -2.41 9.64 15.97
N GLY B 72 -1.35 8.95 15.63
N GLY B 72 -1.35 8.95 15.63
N GLY B 72 -1.30 8.99 15.70
N GLY B 72 -1.30 8.99 15.70
CA GLY B 72 -0.76 8.08 16.66
CA GLY B 72 -0.76 8.08 16.66
CA GLY B 72 -0.63 8.18 16.73
CA GLY B 72 -0.63 8.18 16.73
C GLY B 72 0.37 7.25 16.07
C GLY B 72 0.37 7.25 16.07
C GLY B 72 0.37 7.25 16.09
C GLY B 72 0.37 7.25 16.09
N PRO B 73 1.05 6.42 16.90
CA PRO B 73 2.11 5.54 16.40
C PRO B 73 1.59 4.38 15.57
N TRP B 74 2.51 3.80 14.79
CA TRP B 74 2.26 2.66 13.88
C TRP B 74 1.59 1.52 14.67
N LYS B 75 0.46 0.96 14.22
CA LYS B 75 -0.30 -0.09 14.97
C LYS B 75 -0.21 -1.48 14.34
N LEU B 76 0.28 -1.65 13.11
CA LEU B 76 0.14 -2.92 12.34
C LEU B 76 1.38 -3.77 12.63
N ASP B 77 1.26 -4.89 13.33
CA ASP B 77 2.44 -5.69 13.77
C ASP B 77 2.43 -7.12 13.19
N ALA B 78 1.37 -7.57 12.52
CA ALA B 78 1.33 -8.93 11.98
C ALA B 78 2.35 -9.04 10.85
N ALA B 79 2.82 -10.27 10.57
CA ALA B 79 3.94 -10.60 9.68
C ALA B 79 3.59 -11.81 8.83
N TRP B 80 3.98 -11.81 7.56
CA TRP B 80 3.89 -13.00 6.65
C TRP B 80 4.66 -14.13 7.34
N ASP B 81 4.11 -15.34 7.37
CA ASP B 81 4.71 -16.53 8.07
C ASP B 81 5.74 -17.22 7.20
N GLY B 82 5.82 -16.83 5.92
CA GLY B 82 6.84 -17.21 4.92
C GLY B 82 6.30 -18.33 4.04
N LEU B 83 5.14 -18.87 4.39
CA LEU B 83 4.61 -20.13 3.81
C LEU B 83 3.36 -19.87 2.95
N SER B 84 2.34 -19.17 3.49
CA SER B 84 0.93 -19.16 3.00
C SER B 84 0.68 -18.14 1.88
N GLU B 85 -0.38 -18.40 1.12
CA GLU B 85 -1.02 -17.40 0.25
C GLU B 85 -1.44 -16.21 1.15
N VAL B 86 -1.71 -15.05 0.54
CA VAL B 86 -2.17 -13.80 1.24
C VAL B 86 -3.22 -13.17 0.33
N GLN B 87 -3.84 -12.04 0.72
CA GLN B 87 -4.72 -11.29 -0.22
C GLN B 87 -4.30 -9.82 -0.29
N LEU B 88 -4.08 -9.32 -1.51
CA LEU B 88 -4.03 -7.86 -1.73
C LEU B 88 -5.47 -7.32 -1.73
N LEU B 89 -5.77 -6.43 -0.85
CA LEU B 89 -7.06 -5.68 -0.86
C LEU B 89 -6.82 -4.46 -1.75
N ALA B 90 -6.74 -4.65 -3.09
CA ALA B 90 -6.35 -3.61 -4.08
C ALA B 90 -7.48 -2.58 -4.13
N VAL B 91 -7.15 -1.30 -4.15
CA VAL B 91 -8.12 -0.18 -4.28
C VAL B 91 -7.70 0.71 -5.44
N PRO B 92 -7.95 0.31 -6.72
CA PRO B 92 -7.43 1.03 -7.88
C PRO B 92 -8.18 2.35 -8.06
N PRO B 93 -7.57 3.35 -8.74
CA PRO B 93 -8.29 4.63 -8.88
C PRO B 93 -9.60 4.38 -9.66
N GLY B 94 -10.70 4.99 -9.19
CA GLY B 94 -12.02 5.02 -9.82
C GLY B 94 -12.70 3.65 -9.87
N GLU B 95 -12.06 2.62 -9.31
CA GLU B 95 -12.62 1.25 -9.29
C GLU B 95 -12.80 0.79 -7.85
N ARG B 96 -13.69 -0.18 -7.67
N ARG B 96 -13.69 -0.18 -7.67
N ARG B 96 -13.65 -0.22 -7.67
N ARG B 96 -13.65 -0.22 -7.67
CA ARG B 96 -14.10 -0.72 -6.36
CA ARG B 96 -14.10 -0.72 -6.36
CA ARG B 96 -14.08 -0.76 -6.36
CA ARG B 96 -14.08 -0.76 -6.36
C ARG B 96 -12.96 -1.53 -5.74
C ARG B 96 -12.96 -1.53 -5.74
C ARG B 96 -12.98 -1.62 -5.73
C ARG B 96 -12.98 -1.62 -5.73
N ALA B 97 -12.78 -1.42 -4.42
N ALA B 97 -12.78 -1.42 -4.42
N ALA B 97 -12.99 -1.70 -4.38
N ALA B 97 -12.99 -1.70 -4.38
CA ALA B 97 -11.98 -2.37 -3.62
CA ALA B 97 -11.98 -2.37 -3.62
CA ALA B 97 -12.11 -2.54 -3.55
CA ALA B 97 -12.11 -2.54 -3.55
C ALA B 97 -12.10 -3.73 -4.31
C ALA B 97 -12.10 -3.73 -4.31
C ALA B 97 -12.31 -4.01 -3.90
C ALA B 97 -12.31 -4.01 -3.90
N LYS B 98 -11.25 -4.70 -3.98
N LYS B 98 -11.25 -4.70 -3.98
N LYS B 98 -11.22 -4.71 -4.23
N LYS B 98 -11.22 -4.71 -4.23
CA LYS B 98 -11.26 -6.03 -4.64
CA LYS B 98 -11.26 -6.03 -4.64
CA LYS B 98 -11.25 -6.10 -4.78
CA LYS B 98 -11.25 -6.10 -4.78
C LYS B 98 -10.10 -6.90 -4.13
C LYS B 98 -10.10 -6.90 -4.13
C LYS B 98 -10.10 -6.94 -4.21
C LYS B 98 -10.10 -6.94 -4.21
N ASN B 99 -10.42 -8.06 -3.54
CA ASN B 99 -9.39 -8.99 -2.96
C ASN B 99 -8.70 -9.80 -4.09
N ILE B 100 -7.39 -9.92 -4.05
CA ILE B 100 -6.61 -10.80 -4.96
C ILE B 100 -5.77 -11.71 -4.11
N GLN B 101 -5.78 -13.01 -4.41
CA GLN B 101 -5.04 -14.01 -3.62
C GLN B 101 -3.80 -14.36 -4.40
N THR B 102 -2.67 -14.44 -3.70
CA THR B 102 -1.39 -14.72 -4.37
C THR B 102 -0.43 -15.38 -3.37
N LEU B 103 0.47 -16.23 -3.86
CA LEU B 103 1.64 -16.66 -3.01
C LEU B 103 2.70 -15.57 -3.20
N PRO B 104 3.21 -15.02 -2.05
CA PRO B 104 4.33 -14.08 -2.13
C PRO B 104 5.61 -14.76 -2.64
N GLY B 105 6.40 -13.96 -3.37
CA GLY B 105 7.82 -14.20 -3.66
C GLY B 105 8.71 -13.60 -2.59
N ILE B 106 10.01 -13.43 -2.88
CA ILE B 106 11.05 -12.95 -1.93
C ILE B 106 11.92 -11.85 -2.60
N PHE B 107 12.14 -10.75 -1.87
CA PHE B 107 13.25 -9.81 -2.09
C PHE B 107 14.41 -10.27 -1.20
N LYS B 108 15.52 -10.72 -1.77
CA LYS B 108 16.75 -11.04 -1.00
C LYS B 108 17.62 -9.78 -0.87
N THR B 109 17.85 -9.27 0.35
CA THR B 109 18.71 -8.08 0.57
C THR B 109 19.91 -8.42 1.46
N LYS B 110 20.92 -7.58 1.42
CA LYS B 110 22.10 -7.63 2.33
C LYS B 110 21.63 -7.52 3.79
N ASP B 111 20.39 -7.09 4.09
CA ASP B 111 19.91 -6.95 5.49
C ASP B 111 18.86 -8.01 5.83
N GLY B 112 18.69 -9.05 5.00
CA GLY B 112 17.70 -10.11 5.24
C GLY B 112 16.56 -10.09 4.23
N ASP B 113 15.70 -11.11 4.24
CA ASP B 113 14.70 -11.37 3.18
C ASP B 113 13.34 -10.76 3.57
N ILE B 114 12.56 -10.27 2.59
CA ILE B 114 11.16 -9.74 2.77
C ILE B 114 10.29 -10.40 1.70
N GLY B 115 9.02 -10.60 2.01
CA GLY B 115 7.97 -11.04 1.07
C GLY B 115 7.86 -10.06 -0.07
N ALA B 116 7.45 -10.54 -1.25
CA ALA B 116 7.07 -9.69 -2.41
C ALA B 116 5.80 -10.24 -3.09
N VAL B 117 4.90 -9.34 -3.50
N VAL B 117 4.95 -9.31 -3.55
N VAL B 117 4.90 -9.34 -3.50
N VAL B 117 4.95 -9.31 -3.55
CA VAL B 117 3.67 -9.71 -4.26
CA VAL B 117 3.66 -9.58 -4.26
CA VAL B 117 3.67 -9.71 -4.26
CA VAL B 117 3.66 -9.58 -4.26
C VAL B 117 3.85 -9.22 -5.71
C VAL B 117 3.85 -9.18 -5.73
C VAL B 117 3.84 -9.22 -5.70
C VAL B 117 3.85 -9.19 -5.73
N ALA B 118 3.82 -10.15 -6.67
CA ALA B 118 3.93 -9.87 -8.12
C ALA B 118 2.52 -9.57 -8.64
N LEU B 119 1.97 -8.37 -8.35
CA LEU B 119 0.66 -7.97 -8.87
C LEU B 119 0.71 -6.55 -9.47
N ASP B 120 0.02 -6.35 -10.58
CA ASP B 120 0.17 -5.14 -11.40
C ASP B 120 -1.04 -4.24 -11.26
N TYR B 121 -0.86 -3.05 -10.73
CA TYR B 121 -1.96 -2.06 -10.65
C TYR B 121 -1.37 -0.68 -10.90
N PRO B 122 -2.23 0.30 -11.27
CA PRO B 122 -1.83 1.70 -11.41
C PRO B 122 -1.18 2.27 -10.14
N ALA B 123 -0.42 3.35 -10.29
CA ALA B 123 0.47 3.92 -9.25
C ALA B 123 -0.35 4.34 -8.01
N GLY B 124 -1.59 4.83 -8.21
CA GLY B 124 -2.44 5.32 -7.13
C GLY B 124 -3.08 4.22 -6.31
N THR B 125 -2.69 2.98 -6.56
CA THR B 125 -3.07 1.81 -5.72
C THR B 125 -2.07 1.67 -4.56
N SER B 126 -0.96 2.43 -4.61
CA SER B 126 0.16 2.41 -3.63
C SER B 126 -0.46 2.59 -2.27
N GLY B 127 -0.18 1.68 -1.35
CA GLY B 127 -0.60 1.77 0.06
C GLY B 127 -1.76 0.83 0.37
N SER B 128 -2.24 0.11 -0.64
CA SER B 128 -3.28 -0.96 -0.51
C SER B 128 -2.75 -2.05 0.43
N PRO B 129 -3.58 -2.52 1.40
CA PRO B 129 -3.12 -3.47 2.40
C PRO B 129 -3.05 -4.94 1.98
N ILE B 130 -2.03 -5.63 2.48
CA ILE B 130 -1.88 -7.12 2.30
C ILE B 130 -2.34 -7.83 3.57
N LEU B 131 -3.13 -8.90 3.45
CA LEU B 131 -3.80 -9.58 4.61
C LEU B 131 -3.42 -11.06 4.73
N ASP B 132 -3.37 -11.56 5.96
CA ASP B 132 -3.23 -13.02 6.25
C ASP B 132 -4.65 -13.60 6.43
N LYS B 133 -4.73 -14.92 6.64
CA LYS B 133 -6.05 -15.63 6.58
C LYS B 133 -6.97 -15.17 7.71
N CYS B 134 -6.45 -14.61 8.80
CA CYS B 134 -7.27 -14.10 9.92
C CYS B 134 -7.72 -12.65 9.63
N GLY B 135 -7.39 -12.07 8.47
CA GLY B 135 -7.69 -10.66 8.13
C GLY B 135 -6.70 -9.63 8.68
N ARG B 136 -5.54 -10.01 9.22
CA ARG B 136 -4.66 -8.98 9.84
C ARG B 136 -3.75 -8.44 8.74
N VAL B 137 -3.46 -7.16 8.78
CA VAL B 137 -2.59 -6.46 7.81
C VAL B 137 -1.13 -6.81 8.16
N ILE B 138 -0.44 -7.49 7.23
CA ILE B 138 0.97 -7.94 7.29
C ILE B 138 1.88 -6.92 6.57
N GLY B 139 1.29 -5.91 5.93
CA GLY B 139 2.08 -4.88 5.20
C GLY B 139 1.29 -4.18 4.11
N LEU B 140 1.88 -3.14 3.54
CA LEU B 140 1.36 -2.28 2.47
C LEU B 140 2.06 -2.59 1.18
N TYR B 141 1.31 -2.42 0.08
N TYR B 141 1.31 -2.42 0.08
N TYR B 141 1.29 -2.50 0.09
N TYR B 141 1.29 -2.50 0.08
CA TYR B 141 1.66 -2.72 -1.34
CA TYR B 141 1.66 -2.72 -1.34
CA TYR B 141 1.68 -2.71 -1.34
CA TYR B 141 1.68 -2.71 -1.34
C TYR B 141 1.93 -1.40 -2.06
C TYR B 141 1.93 -1.40 -2.06
C TYR B 141 1.99 -1.34 -1.96
C TYR B 141 1.99 -1.34 -1.96
N GLY B 142 3.07 -1.29 -2.75
CA GLY B 142 3.33 -0.12 -3.62
C GLY B 142 4.67 0.49 -3.44
N ASN B 143 5.65 -0.24 -2.84
CA ASN B 143 7.08 0.11 -2.95
C ASN B 143 7.84 -1.13 -3.43
N GLY B 144 8.41 -1.05 -4.62
CA GLY B 144 9.07 -2.22 -5.21
C GLY B 144 9.80 -1.88 -6.49
N VAL B 145 9.80 -2.85 -7.40
CA VAL B 145 10.64 -2.77 -8.59
C VAL B 145 9.83 -3.20 -9.82
N VAL B 146 10.22 -2.68 -10.99
CA VAL B 146 9.81 -3.13 -12.35
C VAL B 146 10.86 -4.14 -12.84
N ILE B 147 10.43 -5.33 -13.28
N ILE B 147 10.43 -5.33 -13.28
N ILE B 147 10.42 -5.34 -13.27
N ILE B 147 10.42 -5.34 -13.27
CA ILE B 147 11.32 -6.48 -13.62
CA ILE B 147 11.32 -6.48 -13.62
CA ILE B 147 11.31 -6.46 -13.69
CA ILE B 147 11.31 -6.46 -13.69
C ILE B 147 11.37 -6.67 -15.14
C ILE B 147 11.37 -6.67 -15.14
C ILE B 147 11.28 -6.59 -15.22
C ILE B 147 11.28 -6.59 -15.22
N LYS B 148 12.19 -7.62 -15.62
N LYS B 148 12.19 -7.62 -15.62
N LYS B 148 12.13 -7.47 -15.77
N LYS B 148 12.13 -7.47 -15.77
CA LYS B 148 12.43 -7.93 -17.04
CA LYS B 148 12.43 -7.93 -17.04
CA LYS B 148 12.25 -7.71 -17.24
CA LYS B 148 12.25 -7.71 -17.24
C LYS B 148 11.17 -7.63 -17.85
C LYS B 148 11.17 -7.63 -17.85
C LYS B 148 10.84 -7.80 -17.84
C LYS B 148 10.84 -7.80 -17.84
N ASN B 149 10.17 -8.51 -17.77
N ASN B 149 10.17 -8.51 -17.77
N ASN B 149 9.93 -8.50 -17.18
N ASN B 149 9.93 -8.50 -17.18
CA ASN B 149 8.86 -8.43 -18.49
CA ASN B 149 8.86 -8.43 -18.49
CA ASN B 149 8.52 -8.74 -17.64
CA ASN B 149 8.52 -8.74 -17.64
C ASN B 149 8.50 -6.97 -18.79
C ASN B 149 8.50 -6.97 -18.80
C ASN B 149 7.82 -7.42 -17.93
C ASN B 149 7.83 -7.41 -17.93
N GLY B 150 8.46 -6.13 -17.76
N GLY B 150 8.46 -6.13 -17.76
N GLY B 150 8.49 -6.29 -17.68
N GLY B 150 8.49 -6.28 -17.69
CA GLY B 150 7.85 -4.79 -17.75
CA GLY B 150 7.85 -4.79 -17.75
CA GLY B 150 7.92 -4.93 -17.77
CA GLY B 150 7.91 -4.92 -17.77
C GLY B 150 6.84 -4.67 -16.62
C GLY B 150 6.84 -4.68 -16.62
C GLY B 150 6.92 -4.68 -16.67
C GLY B 150 6.90 -4.72 -16.66
N SER B 151 6.59 -5.80 -15.95
N SER B 151 6.60 -5.81 -15.96
N SER B 151 6.49 -5.73 -15.98
N SER B 151 6.61 -5.82 -15.96
CA SER B 151 5.62 -5.96 -14.84
CA SER B 151 5.63 -5.97 -14.84
CA SER B 151 5.46 -5.67 -14.91
CA SER B 151 5.63 -5.97 -14.85
C SER B 151 6.21 -5.37 -13.56
C SER B 151 6.21 -5.36 -13.56
C SER B 151 6.12 -5.18 -13.61
C SER B 151 6.21 -5.36 -13.56
N TYR B 152 5.40 -5.30 -12.50
CA TYR B 152 5.79 -4.70 -11.19
C TYR B 152 5.80 -5.76 -10.10
N VAL B 153 6.82 -5.74 -9.23
CA VAL B 153 6.80 -6.56 -7.99
C VAL B 153 6.93 -5.65 -6.80
N SER B 154 6.01 -5.70 -5.86
CA SER B 154 6.06 -4.89 -4.61
C SER B 154 6.68 -5.67 -3.44
N ALA B 155 7.46 -5.07 -2.56
CA ALA B 155 7.74 -5.61 -1.19
C ALA B 155 6.45 -5.65 -0.37
N ILE B 156 6.40 -6.56 0.60
CA ILE B 156 5.40 -6.47 1.71
C ILE B 156 6.05 -5.54 2.73
N THR B 157 5.71 -4.24 2.70
CA THR B 157 6.31 -3.24 3.60
C THR B 157 5.52 -3.18 4.91
N GLN B 158 6.17 -3.42 6.04
CA GLN B 158 5.58 -3.45 7.41
C GLN B 158 6.42 -2.57 8.33
N GLY B 159 5.77 -1.79 9.21
CA GLY B 159 6.44 -1.08 10.30
C GLY B 159 6.49 -1.88 11.61
N LYS B 160 7.00 -1.25 12.67
CA LYS B 160 7.17 -1.80 14.03
C LYS B 160 6.18 -1.12 15.00
N ARG B 161 5.51 -1.92 15.85
CA ARG B 161 4.62 -1.42 16.94
C ARG B 161 5.41 -1.38 18.27
N GLU B 162 5.35 -0.26 19.01
CA GLU B 162 6.05 -0.04 20.31
C GLU B 162 5.30 -0.74 21.46
S DMS C . 2.65 1.14 -8.91
S DMS C . 2.65 1.14 -8.91
O DMS C . 3.64 0.26 -9.62
O DMS C . 3.64 0.26 -9.62
C1 DMS C . 3.59 2.22 -7.87
C1 DMS C . 3.59 2.22 -7.87
C2 DMS C . 1.93 0.14 -7.63
C2 DMS C . 1.93 0.14 -7.63
S DMS D . 5.54 18.48 3.25
S DMS D . 5.54 18.48 3.25
O DMS D . 5.39 17.40 4.30
O DMS D . 5.39 17.41 4.29
C1 DMS D . 4.09 19.50 3.40
C1 DMS D . 4.09 19.50 3.40
C2 DMS D . 5.13 17.72 1.70
C2 DMS D . 5.13 17.72 1.70
S DMS E . 6.80 2.56 -6.61
S DMS E . 6.80 2.56 -6.61
O DMS E . 7.19 1.19 -6.12
O DMS E . 7.19 1.19 -6.12
C1 DMS E . 7.34 3.70 -5.36
C1 DMS E . 7.34 3.70 -5.36
C2 DMS E . 8.00 2.98 -7.85
C2 DMS E . 8.00 2.98 -7.85
N1 A1BGN F . 9.98 2.58 -11.84
N1 A1BGN F . 9.97 2.59 -11.84
N3 A1BGN F . 8.50 1.98 -8.70
N3 A1BGN F . 8.50 1.98 -8.70
C4 A1BGN F . 5.09 2.71 -8.65
C4 A1BGN F . 5.09 2.71 -8.65
C5 A1BGN F . 6.24 3.67 -8.47
C5 A1BGN F . 6.24 3.67 -8.47
C6 A1BGN F . 7.74 3.61 -10.38
C6 A1BGN F . 7.74 3.61 -10.38
C7 A1BGN F . 8.03 4.08 -11.63
C7 A1BGN F . 8.03 4.08 -11.63
C8 A1BGN F . 9.14 3.56 -12.33
C8 A1BGN F . 9.14 3.56 -12.33
C10 A1BGN F . 9.64 2.15 -10.61
C10 A1BGN F . 9.64 2.15 -10.61
C13 A1BGN F . 2.65 -0.13 -11.61
C13 A1BGN F . 2.65 -0.13 -11.61
C15 A1BGN F . 3.19 1.62 -13.62
C15 A1BGN F . 3.19 1.62 -13.61
C1 A1BGN F . 1.13 0.56 -7.22
C1 A1BGN F . 1.13 0.56 -7.22
O1 A1BGN F . 2.42 1.10 -6.88
O1 A1BGN F . 2.41 1.10 -6.88
C2 A1BGN F . 3.23 1.47 -7.89
C2 A1BGN F . 3.23 1.47 -7.89
C3 A1BGN F . 4.25 2.36 -7.62
C3 A1BGN F . 4.25 2.36 -7.62
O2 A1BGN F . 6.66 4.14 -9.76
O2 A1BGN F . 6.66 4.14 -9.76
C9 A1BGN F . 9.50 4.07 -13.69
C9 A1BGN F . 9.50 4.07 -13.69
N2 A1BGN F . 10.26 1.22 -9.90
N2 A1BGN F . 10.27 1.22 -9.91
C11 A1BGN F . 9.55 1.16 -8.77
C11 A1BGN F . 9.55 1.15 -8.78
N4 A1BGN F . 8.58 2.63 -9.89
N4 A1BGN F . 8.58 2.63 -9.89
N5 A1BGN F . 4.90 2.23 -9.89
N5 A1BGN F . 4.90 2.24 -9.88
C12 A1BGN F . 3.86 1.39 -10.09
C12 A1BGN F . 3.86 1.39 -10.09
N6 A1BGN F . 3.67 0.87 -11.34
N6 A1BGN F . 3.67 0.88 -11.33
C14 A1BGN F . 2.85 -0.69 -13.00
C14 A1BGN F . 2.85 -0.69 -13.00
N7 A1BGN F . 2.62 0.33 -14.01
N7 A1BGN F . 2.62 0.33 -14.01
C16 A1BGN F . 4.25 1.47 -12.54
C16 A1BGN F . 4.26 1.46 -12.54
N8 A1BGN F . 3.03 0.98 -9.11
N8 A1BGN F . 3.03 0.98 -9.11
S SO4 G . 4.97 18.67 3.48
S SO4 G . 4.97 18.67 3.48
O1 SO4 G . 3.80 19.37 3.95
O1 SO4 G . 3.80 19.37 3.95
O2 SO4 G . 6.07 19.60 3.39
O2 SO4 G . 6.07 19.60 3.39
O3 SO4 G . 5.32 17.63 4.42
O3 SO4 G . 5.32 17.63 4.42
O4 SO4 G . 4.72 18.09 2.18
O4 SO4 G . 4.72 18.09 2.18
S DMS H . -2.05 -17.18 9.30
S DMS H . -2.05 -17.18 9.30
O DMS H . -2.29 -17.15 7.81
O DMS H . -2.29 -17.15 7.81
C1 DMS H . -2.26 -18.87 9.83
C1 DMS H . -2.26 -18.87 9.83
C2 DMS H . -3.52 -16.52 10.07
C2 DMS H . -3.52 -16.52 10.07
S SO4 I . -0.18 -9.30 -12.63
S SO4 I . -0.18 -9.30 -12.63
O1 SO4 I . -1.21 -8.56 -11.93
O1 SO4 I . -1.21 -8.56 -11.93
O2 SO4 I . -0.31 -9.12 -14.05
O2 SO4 I . -0.31 -9.12 -14.05
O3 SO4 I . 1.12 -8.83 -12.20
O3 SO4 I . 1.12 -8.83 -12.20
O4 SO4 I . -0.30 -10.70 -12.31
O4 SO4 I . -0.30 -10.70 -12.31
S DMS J . 9.50 5.93 -3.60
S DMS J . 9.51 5.92 -3.61
O DMS J . 10.70 6.83 -3.44
O DMS J . 10.70 6.83 -3.44
C1 DMS J . 9.57 4.82 -2.22
C1 DMS J . 9.57 4.82 -2.22
C2 DMS J . 9.92 4.77 -4.87
C2 DMS J . 9.92 4.77 -4.87
#